data_6QMT
#
_entry.id   6QMT
#
_cell.length_a   37.964
_cell.length_b   39.235
_cell.length_c   63.502
_cell.angle_alpha   83.030
_cell.angle_beta   75.340
_cell.angle_gamma   65.170
#
_symmetry.space_group_name_H-M   'P 1'
#
loop_
_entity.id
_entity.type
_entity.pdbx_description
1 polymer 'Complement factor D'
2 non-polymer '2-[2-[[3-[3-(aminomethyl)phenyl]phenyl]carbonylamino]phenyl]ethanoic acid'
3 water water
#
_entity_poly.entity_id   1
_entity_poly.type   'polypeptide(L)'
_entity_poly.pdbx_seq_one_letter_code
;HSWERLAVLVLLGAAACAAPPRGRILGGREAEAHARPYMASVQLNGAHLCGGVLVAEQWVLSAAHCLEDAADGKVQVLLG
AHSLSQPEPSKRLYDVLRAVPHPDSQPDTIDHDLLLLQLSEKATLGPAVRPLPWQRVDRDVAPGTLCDVAGWGIVNHAGR
RPDSLQHVLLPVLDRATCNRRTHHDGAITERLMCAESNRRDSCKGDSGGPLVCGGVLEGVVTSGSRVCGNRKKPGIYTRV
ASYAAWIDSVLASA
;
_entity_poly.pdbx_strand_id   A,B
#
loop_
_chem_comp.id
_chem_comp.type
_chem_comp.name
_chem_comp.formula
J7B non-polymer '2-[2-[[3-[3-(aminomethyl)phenyl]phenyl]carbonylamino]phenyl]ethanoic acid' 'C22 H20 N2 O3'
#
# COMPACT_ATOMS: atom_id res chain seq x y z
N ILE A 25 -14.62 13.01 12.66
CA ILE A 25 -15.54 12.03 12.11
C ILE A 25 -16.80 12.01 12.97
N LEU A 26 -17.96 12.23 12.36
CA LEU A 26 -19.25 12.16 13.06
C LEU A 26 -19.83 10.77 12.87
N GLY A 27 -20.41 10.23 13.94
CA GLY A 27 -21.08 8.93 13.88
C GLY A 27 -20.19 7.72 13.59
N GLY A 28 -18.90 7.86 13.87
CA GLY A 28 -17.94 6.81 13.65
C GLY A 28 -17.61 6.06 14.92
N ARG A 29 -16.52 5.31 14.89
CA ARG A 29 -16.07 4.49 16.01
C ARG A 29 -14.60 4.67 16.15
N GLU A 30 -14.06 4.44 17.35
CA GLU A 30 -12.63 4.50 17.54
C GLU A 30 -12.03 3.35 16.74
N ALA A 31 -11.01 3.66 15.94
CA ALA A 31 -10.32 2.68 15.12
C ALA A 31 -9.51 1.74 16.01
N GLU A 32 -9.26 0.52 15.52
CA GLU A 32 -8.41 -0.42 16.25
CA GLU A 32 -8.41 -0.42 16.24
C GLU A 32 -7.02 0.23 16.21
N ALA A 33 -6.34 0.33 17.37
CA ALA A 33 -5.01 0.96 17.49
C ALA A 33 -4.00 0.49 16.44
N HIS A 34 -3.54 1.43 15.59
CA HIS A 34 -2.53 1.23 14.54
C HIS A 34 -3.00 0.30 13.40
N ALA A 35 -4.34 0.13 13.23
CA ALA A 35 -4.90 -0.69 12.13
C ALA A 35 -4.96 0.11 10.82
N ARG A 36 -4.75 1.44 10.90
CA ARG A 36 -4.73 2.28 9.70
C ARG A 36 -3.36 3.01 9.73
N PRO A 37 -2.26 2.25 9.51
CA PRO A 37 -0.91 2.79 9.65
C PRO A 37 -0.46 3.85 8.66
N TYR A 38 -1.28 4.12 7.65
CA TYR A 38 -1.04 5.15 6.65
C TYR A 38 -1.49 6.52 7.15
N MET A 39 -2.22 6.57 8.27
CA MET A 39 -2.75 7.82 8.80
C MET A 39 -1.68 8.76 9.29
N ALA A 40 -1.79 10.02 8.88
CA ALA A 40 -0.88 11.08 9.29
C ALA A 40 -1.72 12.19 9.95
N SER A 41 -1.17 12.86 10.99
CA SER A 41 -1.80 14.03 11.60
C SER A 41 -0.88 15.17 11.15
N VAL A 42 -1.43 16.15 10.44
CA VAL A 42 -0.70 17.29 9.91
C VAL A 42 -0.82 18.35 11.01
N GLN A 43 0.33 18.79 11.52
CA GLN A 43 0.31 19.67 12.69
C GLN A 43 1.03 20.98 12.49
N LEU A 44 0.59 21.97 13.22
CA LEU A 44 1.18 23.30 13.20
C LEU A 44 1.59 23.61 14.63
N ASN A 45 2.91 23.66 14.89
CA ASN A 45 3.47 23.86 16.24
C ASN A 45 2.85 22.85 17.23
N GLY A 46 2.71 21.60 16.77
CA GLY A 46 2.15 20.51 17.57
C GLY A 46 0.65 20.46 17.77
N ALA A 47 -0.15 21.30 17.04
CA ALA A 47 -1.62 21.26 17.15
C ALA A 47 -2.17 20.56 15.89
N HIS A 48 -3.08 19.58 16.04
CA HIS A 48 -3.68 18.88 14.89
C HIS A 48 -4.48 19.84 14.03
N LEU A 49 -4.12 19.95 12.75
CA LEU A 49 -4.77 20.83 11.79
C LEU A 49 -5.65 20.04 10.84
N CYS A 50 -5.08 18.96 10.27
CA CYS A 50 -5.76 18.14 9.25
C CYS A 50 -5.22 16.74 9.30
N GLY A 51 -5.91 15.84 8.62
CA GLY A 51 -5.39 14.50 8.39
C GLY A 51 -4.46 14.55 7.18
N GLY A 52 -3.81 13.44 6.95
CA GLY A 52 -2.92 13.21 5.83
C GLY A 52 -2.83 11.72 5.64
N VAL A 53 -2.29 11.30 4.50
CA VAL A 53 -2.12 9.89 4.21
C VAL A 53 -0.68 9.68 3.69
N LEU A 54 0.05 8.74 4.30
CA LEU A 54 1.39 8.40 3.86
C LEU A 54 1.25 7.68 2.50
N VAL A 55 1.90 8.20 1.44
CA VAL A 55 1.83 7.59 0.09
C VAL A 55 3.19 7.05 -0.38
N ALA A 56 4.26 7.41 0.33
CA ALA A 56 5.62 6.92 0.06
C ALA A 56 6.39 7.09 1.35
N GLU A 57 7.63 6.56 1.43
CA GLU A 57 8.43 6.70 2.65
C GLU A 57 8.68 8.16 3.05
N GLN A 58 8.74 9.07 2.08
CA GLN A 58 9.03 10.47 2.34
C GLN A 58 7.93 11.45 1.89
N TRP A 59 6.73 10.95 1.51
CA TRP A 59 5.64 11.81 1.04
C TRP A 59 4.30 11.55 1.72
N VAL A 60 3.60 12.64 2.09
CA VAL A 60 2.26 12.60 2.72
C VAL A 60 1.32 13.41 1.83
N LEU A 61 0.15 12.84 1.48
CA LEU A 61 -0.86 13.53 0.67
C LEU A 61 -1.86 14.10 1.67
N SER A 62 -2.29 15.34 1.45
CA SER A 62 -3.26 16.00 2.34
C SER A 62 -4.05 17.02 1.48
N ALA A 63 -4.74 17.96 2.11
CA ALA A 63 -5.56 18.96 1.46
C ALA A 63 -4.87 20.32 1.50
N ALA A 64 -4.82 20.98 0.36
CA ALA A 64 -4.13 22.28 0.21
C ALA A 64 -4.68 23.35 1.14
N HIS A 65 -6.01 23.37 1.39
CA HIS A 65 -6.58 24.42 2.24
C HIS A 65 -6.11 24.34 3.68
N CYS A 66 -5.54 23.20 4.10
CA CYS A 66 -5.05 23.02 5.44
C CYS A 66 -3.98 24.02 5.79
N LEU A 67 -3.19 24.45 4.80
CA LEU A 67 -2.09 25.36 5.13
C LEU A 67 -2.49 26.86 5.16
N GLU A 68 -3.83 27.14 5.30
CA GLU A 68 -4.41 28.48 5.53
C GLU A 68 -4.09 28.93 6.96
N ASP A 69 -4.12 27.98 7.91
CA ASP A 69 -3.87 28.29 9.31
C ASP A 69 -2.38 28.36 9.64
N ALA A 70 -1.51 27.86 8.73
CA ALA A 70 -0.05 27.76 8.88
C ALA A 70 0.68 29.11 9.09
N ALA A 71 0.60 30.04 8.11
CA ALA A 71 1.27 31.35 8.08
C ALA A 71 2.80 31.22 8.29
N ASP A 72 3.28 31.39 9.55
CA ASP A 72 4.70 31.27 9.88
C ASP A 72 4.92 30.42 11.17
N GLY A 73 4.57 29.14 11.09
CA GLY A 73 4.73 28.15 12.15
C GLY A 73 5.31 26.84 11.61
N LYS A 74 5.93 25.98 12.46
CA LYS A 74 6.51 24.73 12.00
C LYS A 74 5.43 23.72 11.63
N VAL A 75 5.34 23.44 10.33
CA VAL A 75 4.42 22.45 9.78
C VAL A 75 5.15 21.12 9.88
N GLN A 76 4.53 20.18 10.60
CA GLN A 76 5.11 18.86 10.87
C GLN A 76 4.09 17.76 10.60
N VAL A 77 4.55 16.51 10.47
CA VAL A 77 3.63 15.40 10.23
C VAL A 77 3.89 14.33 11.29
N LEU A 78 2.85 13.93 12.01
CA LEU A 78 2.94 12.88 13.01
C LEU A 78 2.51 11.54 12.40
N LEU A 79 3.41 10.55 12.41
CA LEU A 79 3.17 9.20 11.89
C LEU A 79 3.19 8.19 13.04
N GLY A 80 2.56 7.03 12.83
CA GLY A 80 2.51 5.95 13.79
C GLY A 80 1.62 6.21 14.98
N ALA A 81 0.73 7.22 14.90
CA ALA A 81 -0.16 7.56 16.01
C ALA A 81 -1.54 6.94 15.98
N HIS A 82 -2.02 6.56 17.16
CA HIS A 82 -3.40 6.18 17.40
C HIS A 82 -3.98 7.38 18.14
N SER A 83 -3.38 7.71 19.28
CA SER A 83 -3.69 8.83 20.15
C SER A 83 -2.83 10.02 19.78
N LEU A 84 -3.40 11.22 19.84
CA LEU A 84 -2.55 12.39 19.59
C LEU A 84 -1.63 12.71 20.77
N SER A 85 -2.15 12.53 21.99
CA SER A 85 -1.39 12.90 23.19
C SER A 85 -0.67 11.75 23.95
N GLN A 86 -1.19 10.51 23.90
CA GLN A 86 -0.56 9.41 24.65
C GLN A 86 0.77 8.92 24.06
N PRO A 87 1.78 8.71 24.92
CA PRO A 87 3.09 8.22 24.46
C PRO A 87 2.98 6.82 23.85
N GLU A 88 3.15 6.71 22.54
CA GLU A 88 3.09 5.42 21.84
C GLU A 88 4.43 5.15 21.22
N PRO A 89 5.00 3.93 21.39
CA PRO A 89 6.34 3.65 20.83
C PRO A 89 6.52 3.88 19.34
N SER A 90 5.44 3.70 18.57
CA SER A 90 5.49 3.83 17.12
C SER A 90 5.42 5.29 16.63
N LYS A 91 5.07 6.23 17.51
CA LYS A 91 4.96 7.64 17.15
C LYS A 91 6.27 8.26 16.72
N ARG A 92 6.21 8.94 15.56
CA ARG A 92 7.37 9.64 15.02
C ARG A 92 6.92 10.95 14.39
N LEU A 93 7.61 12.03 14.71
CA LEU A 93 7.34 13.37 14.17
C LEU A 93 8.42 13.74 13.15
N TYR A 94 7.97 14.12 11.95
CA TYR A 94 8.84 14.55 10.88
C TYR A 94 8.55 16.00 10.52
N ASP A 95 9.60 16.75 10.17
CA ASP A 95 9.42 18.12 9.69
C ASP A 95 9.09 18.02 8.22
N VAL A 96 8.48 19.07 7.68
CA VAL A 96 8.15 19.14 6.27
C VAL A 96 9.23 20.00 5.58
N LEU A 97 9.88 19.41 4.57
CA LEU A 97 10.92 20.03 3.75
C LEU A 97 10.30 20.81 2.60
N ARG A 98 9.10 20.39 2.18
CA ARG A 98 8.43 20.94 1.01
C ARG A 98 6.93 20.69 1.05
N ALA A 99 6.14 21.76 0.82
CA ALA A 99 4.69 21.69 0.74
C ALA A 99 4.36 22.03 -0.71
N VAL A 100 3.78 21.06 -1.43
CA VAL A 100 3.44 21.21 -2.83
C VAL A 100 1.90 21.20 -2.98
N PRO A 101 1.24 22.38 -2.89
CA PRO A 101 -0.22 22.41 -3.08
C PRO A 101 -0.50 22.29 -4.56
N HIS A 102 -1.67 21.76 -4.94
CA HIS A 102 -2.01 21.69 -6.36
C HIS A 102 -2.04 23.12 -6.89
N PRO A 103 -1.47 23.39 -8.09
CA PRO A 103 -1.43 24.78 -8.60
C PRO A 103 -2.74 25.56 -8.58
N ASP A 104 -3.86 24.89 -8.83
N ASP A 104 -3.86 24.89 -8.89
CA ASP A 104 -5.20 25.48 -8.90
CA ASP A 104 -5.18 25.49 -8.94
C ASP A 104 -5.98 25.34 -7.62
C ASP A 104 -5.97 25.33 -7.63
N SER A 105 -5.26 25.15 -6.50
CA SER A 105 -5.91 25.06 -5.21
C SER A 105 -6.21 26.49 -4.70
N GLN A 106 -7.12 27.17 -5.43
CA GLN A 106 -7.59 28.50 -5.10
C GLN A 106 -8.50 28.33 -3.90
N PRO A 107 -8.31 29.12 -2.83
CA PRO A 107 -9.11 28.90 -1.62
C PRO A 107 -10.61 29.00 -1.84
N ASP A 108 -11.38 28.19 -1.06
CA ASP A 108 -12.85 28.09 -1.06
C ASP A 108 -13.43 27.50 -2.35
N THR A 109 -12.57 27.18 -3.33
CA THR A 109 -13.01 26.48 -4.53
C THR A 109 -12.72 25.02 -4.18
N ILE A 110 -13.78 24.21 -4.10
CA ILE A 110 -13.73 22.80 -3.70
C ILE A 110 -12.80 21.95 -4.57
N ASP A 111 -12.55 22.39 -5.81
CA ASP A 111 -11.70 21.72 -6.77
C ASP A 111 -10.21 21.86 -6.47
N HIS A 112 -9.42 20.84 -6.89
CA HIS A 112 -7.96 20.77 -6.84
C HIS A 112 -7.38 20.94 -5.42
N ASP A 113 -8.10 20.49 -4.40
CA ASP A 113 -7.66 20.66 -3.00
C ASP A 113 -6.67 19.57 -2.54
N LEU A 114 -5.57 19.41 -3.27
CA LEU A 114 -4.55 18.40 -2.98
C LEU A 114 -3.26 19.09 -2.57
N LEU A 115 -2.52 18.46 -1.67
CA LEU A 115 -1.26 18.94 -1.14
C LEU A 115 -0.31 17.78 -0.93
N LEU A 116 0.93 17.92 -1.41
CA LEU A 116 1.93 16.88 -1.16
C LEU A 116 2.96 17.43 -0.19
N LEU A 117 3.28 16.66 0.84
CA LEU A 117 4.24 17.11 1.86
C LEU A 117 5.45 16.20 1.82
N GLN A 118 6.65 16.78 1.61
CA GLN A 118 7.85 15.97 1.63
C GLN A 118 8.43 16.03 3.02
N LEU A 119 8.63 14.86 3.63
CA LEU A 119 9.14 14.73 5.00
C LEU A 119 10.65 15.01 5.02
N SER A 120 11.19 15.43 6.20
CA SER A 120 12.61 15.75 6.43
CA SER A 120 12.60 15.74 6.42
C SER A 120 13.53 14.54 6.21
N GLU A 121 13.03 13.33 6.44
CA GLU A 121 13.78 12.09 6.25
C GLU A 121 12.85 10.98 5.82
N LYS A 122 13.42 9.92 5.21
CA LYS A 122 12.64 8.75 4.80
C LYS A 122 12.14 8.11 6.09
N ALA A 123 10.82 7.84 6.16
CA ALA A 123 10.23 7.23 7.35
C ALA A 123 10.57 5.75 7.38
N THR A 124 10.83 5.21 8.58
CA THR A 124 11.08 3.76 8.73
C THR A 124 9.69 3.12 8.76
N LEU A 125 9.46 2.17 7.90
CA LEU A 125 8.14 1.56 7.85
C LEU A 125 8.03 0.37 8.77
N GLY A 126 6.81 0.10 9.21
CA GLY A 126 6.50 -1.02 10.09
C GLY A 126 5.01 -1.23 10.25
N PRO A 127 4.60 -2.09 11.21
CA PRO A 127 3.17 -2.35 11.38
C PRO A 127 2.34 -1.12 11.72
N ALA A 128 2.97 -0.06 12.30
CA ALA A 128 2.23 1.16 12.65
C ALA A 128 2.48 2.34 11.69
N VAL A 129 3.41 2.18 10.72
CA VAL A 129 3.78 3.25 9.75
C VAL A 129 3.95 2.58 8.40
N ARG A 130 2.98 2.77 7.50
CA ARG A 130 3.04 2.12 6.19
C ARG A 130 2.26 2.96 5.18
N PRO A 131 2.81 3.21 3.99
CA PRO A 131 2.07 3.98 2.97
C PRO A 131 0.91 3.21 2.40
N LEU A 132 0.02 3.94 1.72
CA LEU A 132 -1.16 3.35 1.11
C LEU A 132 -1.06 3.55 -0.39
N PRO A 133 -1.16 2.46 -1.18
CA PRO A 133 -1.18 2.64 -2.65
C PRO A 133 -2.45 3.37 -3.04
N TRP A 134 -2.31 4.18 -4.06
CA TRP A 134 -3.39 4.99 -4.56
C TRP A 134 -3.76 4.55 -5.97
N GLN A 135 -5.01 4.80 -6.36
CA GLN A 135 -5.50 4.42 -7.67
C GLN A 135 -4.88 5.35 -8.73
N ARG A 136 -4.30 4.76 -9.80
CA ARG A 136 -3.68 5.54 -10.89
CA ARG A 136 -3.67 5.54 -10.87
C ARG A 136 -4.55 5.56 -12.14
N VAL A 137 -5.27 4.46 -12.43
CA VAL A 137 -6.17 4.35 -13.58
C VAL A 137 -7.35 5.32 -13.36
N ASP A 138 -7.61 6.19 -14.34
CA ASP A 138 -8.66 7.20 -14.24
C ASP A 138 -10.02 6.58 -14.49
N ARG A 139 -10.57 5.95 -13.44
CA ARG A 139 -11.86 5.26 -13.45
C ARG A 139 -12.59 5.61 -12.16
N ASP A 140 -13.88 5.93 -12.26
CA ASP A 140 -14.69 6.27 -11.09
C ASP A 140 -14.91 5.02 -10.24
N VAL A 141 -14.90 5.18 -8.92
CA VAL A 141 -15.18 4.08 -7.98
C VAL A 141 -16.67 3.83 -8.13
N ALA A 142 -17.06 2.57 -8.33
CA ALA A 142 -18.46 2.19 -8.50
C ALA A 142 -19.32 2.75 -7.36
N PRO A 143 -20.40 3.54 -7.63
CA PRO A 143 -21.27 3.99 -6.52
C PRO A 143 -21.75 2.83 -5.66
N GLY A 144 -21.89 3.07 -4.36
CA GLY A 144 -22.31 2.08 -3.40
C GLY A 144 -21.14 1.33 -2.79
N THR A 145 -19.92 1.47 -3.37
CA THR A 145 -18.73 0.81 -2.80
C THR A 145 -18.50 1.38 -1.41
N LEU A 146 -18.30 0.49 -0.42
CA LEU A 146 -18.03 0.90 0.96
C LEU A 146 -16.57 1.34 1.11
N CYS A 147 -16.36 2.59 1.57
CA CYS A 147 -15.02 3.10 1.73
C CYS A 147 -14.84 3.60 3.14
N ASP A 148 -13.64 3.47 3.65
CA ASP A 148 -13.32 3.80 5.03
C ASP A 148 -12.67 5.18 5.05
N VAL A 149 -13.23 6.08 5.88
CA VAL A 149 -12.65 7.40 6.11
CA VAL A 149 -12.72 7.43 6.13
C VAL A 149 -12.25 7.50 7.57
N ALA A 150 -11.02 7.96 7.82
CA ALA A 150 -10.51 8.03 9.18
C ALA A 150 -9.91 9.40 9.50
N GLY A 151 -9.97 9.78 10.76
CA GLY A 151 -9.41 11.06 11.15
C GLY A 151 -9.59 11.38 12.61
N TRP A 152 -8.96 12.47 13.01
CA TRP A 152 -8.97 13.04 14.37
C TRP A 152 -9.83 14.29 14.39
N GLY A 153 -10.70 14.42 13.39
CA GLY A 153 -11.63 15.54 13.28
C GLY A 153 -12.71 15.47 14.34
N ILE A 154 -13.52 16.53 14.44
CA ILE A 154 -14.54 16.61 15.47
C ILE A 154 -15.55 15.47 15.40
N VAL A 155 -16.02 15.06 16.59
CA VAL A 155 -16.94 13.92 16.74
C VAL A 155 -18.39 14.31 17.03
N ASN A 156 -18.67 15.61 17.13
CA ASN A 156 -20.02 16.15 17.26
C ASN A 156 -20.05 17.56 16.64
N HIS A 157 -21.23 18.16 16.48
CA HIS A 157 -21.37 19.46 15.82
C HIS A 157 -20.79 20.61 16.63
N ALA A 158 -20.71 20.45 17.98
CA ALA A 158 -20.13 21.47 18.84
C ALA A 158 -18.63 21.62 18.67
N GLY A 159 -17.96 20.60 18.16
CA GLY A 159 -16.53 20.73 17.99
C GLY A 159 -15.70 19.92 18.97
N ARG A 160 -16.30 18.94 19.64
CA ARG A 160 -15.58 18.05 20.56
C ARG A 160 -14.52 17.27 19.76
N ARG A 161 -13.26 17.35 20.20
CA ARG A 161 -12.16 16.69 19.51
C ARG A 161 -11.79 15.37 20.18
N PRO A 162 -11.66 14.28 19.41
CA PRO A 162 -11.22 13.03 20.01
C PRO A 162 -9.71 13.03 20.16
N ASP A 163 -9.18 12.20 21.06
CA ASP A 163 -7.73 12.11 21.15
C ASP A 163 -7.29 10.95 20.27
N SER A 164 -8.13 9.90 20.17
CA SER A 164 -7.78 8.72 19.36
CA SER A 164 -7.80 8.72 19.38
C SER A 164 -8.41 8.77 17.98
N LEU A 165 -7.78 8.08 17.06
CA LEU A 165 -8.24 8.01 15.68
C LEU A 165 -9.64 7.40 15.60
N GLN A 166 -10.52 8.05 14.82
CA GLN A 166 -11.87 7.58 14.58
C GLN A 166 -11.98 7.19 13.12
N HIS A 167 -12.97 6.35 12.79
CA HIS A 167 -13.21 5.96 11.42
C HIS A 167 -14.66 5.66 11.16
N VAL A 168 -15.03 5.66 9.88
CA VAL A 168 -16.40 5.35 9.49
C VAL A 168 -16.38 4.78 8.10
N LEU A 169 -17.31 3.90 7.82
CA LEU A 169 -17.43 3.30 6.51
C LEU A 169 -18.59 4.01 5.82
N LEU A 170 -18.34 4.57 4.65
CA LEU A 170 -19.30 5.37 3.89
C LEU A 170 -19.41 4.86 2.47
N PRO A 171 -20.64 4.76 1.92
CA PRO A 171 -20.75 4.34 0.53
C PRO A 171 -20.54 5.53 -0.41
N VAL A 172 -19.89 5.27 -1.55
CA VAL A 172 -19.63 6.25 -2.59
C VAL A 172 -20.95 6.61 -3.29
N LEU A 173 -21.20 7.91 -3.52
N LEU A 173 -21.17 7.90 -3.54
CA LEU A 173 -22.38 8.47 -4.20
CA LEU A 173 -22.33 8.34 -4.30
C LEU A 173 -22.00 8.83 -5.65
C LEU A 173 -21.92 8.54 -5.76
N ASP A 174 -22.90 8.55 -6.66
CA ASP A 174 -22.66 8.83 -8.08
C ASP A 174 -22.49 10.33 -8.20
N ARG A 175 -21.62 10.79 -9.10
CA ARG A 175 -21.30 12.20 -9.25
C ARG A 175 -22.52 13.10 -9.53
N ALA A 176 -23.44 12.64 -10.37
CA ALA A 176 -24.60 13.43 -10.73
C ALA A 176 -25.46 13.80 -9.51
N THR A 177 -25.77 12.82 -8.63
CA THR A 177 -26.55 13.04 -7.41
C THR A 177 -25.84 14.03 -6.48
N CYS A 178 -24.53 13.94 -6.43
CA CYS A 178 -23.79 14.84 -5.58
C CYS A 178 -23.76 16.24 -6.18
N ASN A 179 -23.71 16.31 -7.53
CA ASN A 179 -23.74 17.59 -8.24
C ASN A 179 -25.10 18.25 -8.02
N ARG A 180 -26.22 17.49 -8.17
CA ARG A 180 -27.65 17.89 -8.05
C ARG A 180 -27.94 19.12 -7.17
N ARG A 181 -28.91 19.97 -7.61
CA ARG A 181 -29.36 21.24 -6.99
C ARG A 181 -29.49 21.21 -5.45
N THR A 182 -30.06 20.12 -4.90
CA THR A 182 -30.26 19.90 -3.46
C THR A 182 -28.90 19.68 -2.77
N HIS A 183 -27.97 19.01 -3.47
CA HIS A 183 -26.65 18.70 -2.99
C HIS A 183 -25.66 19.87 -3.21
N HIS A 184 -24.84 19.86 -4.28
CA HIS A 184 -23.87 20.94 -4.54
C HIS A 184 -23.88 21.42 -6.01
N ASP A 185 -25.02 22.03 -6.43
CA ASP A 185 -25.33 22.54 -7.78
C ASP A 185 -24.13 23.08 -8.60
N GLY A 186 -23.82 22.38 -9.69
CA GLY A 186 -22.79 22.72 -10.68
C GLY A 186 -21.32 22.63 -10.33
N ALA A 187 -20.98 22.54 -9.03
CA ALA A 187 -19.60 22.55 -8.55
C ALA A 187 -18.82 21.19 -8.50
N ILE A 188 -19.50 20.03 -8.63
CA ILE A 188 -18.84 18.70 -8.55
C ILE A 188 -18.34 18.26 -9.92
N THR A 189 -17.04 18.50 -10.18
CA THR A 189 -16.37 18.16 -11.43
C THR A 189 -15.96 16.67 -11.45
N GLU A 190 -15.38 16.22 -12.58
CA GLU A 190 -14.86 14.86 -12.80
C GLU A 190 -13.72 14.52 -11.83
N ARG A 191 -13.08 15.56 -11.24
CA ARG A 191 -11.95 15.43 -10.30
C ARG A 191 -12.40 15.30 -8.85
N LEU A 192 -13.71 15.16 -8.66
CA LEU A 192 -14.27 14.95 -7.34
C LEU A 192 -15.15 13.71 -7.27
N MET A 193 -15.28 13.17 -6.07
CA MET A 193 -16.15 12.07 -5.78
C MET A 193 -16.91 12.41 -4.49
N CYS A 194 -18.01 11.71 -4.25
CA CYS A 194 -18.79 11.97 -3.05
C CYS A 194 -19.13 10.74 -2.33
N ALA A 195 -19.47 10.88 -1.05
CA ALA A 195 -19.88 9.75 -0.22
C ALA A 195 -21.04 10.20 0.60
N GLU A 196 -21.84 9.25 1.09
CA GLU A 196 -23.01 9.54 1.93
C GLU A 196 -22.61 10.27 3.20
N SER A 197 -23.43 11.24 3.66
CA SER A 197 -23.21 12.10 4.82
C SER A 197 -24.40 12.06 5.80
N ASN A 198 -25.28 11.08 5.69
CA ASN A 198 -26.44 11.01 6.59
C ASN A 198 -26.06 10.45 7.95
N ARG A 199 -25.90 11.37 8.95
CA ARG A 199 -25.51 11.14 10.35
C ARG A 199 -24.01 10.84 10.50
N ARG A 200 -23.47 10.01 9.60
CA ARG A 200 -22.07 9.61 9.57
C ARG A 200 -21.38 10.47 8.53
N ASP A 201 -20.26 11.13 8.89
CA ASP A 201 -19.57 12.02 7.95
C ASP A 201 -18.17 12.39 8.40
N SER A 202 -17.37 12.89 7.45
CA SER A 202 -16.10 13.51 7.77
C SER A 202 -16.47 14.94 8.23
N CYS A 203 -15.65 15.55 9.08
CA CYS A 203 -15.96 16.90 9.56
C CYS A 203 -14.68 17.67 9.87
N LYS A 204 -14.76 18.88 10.45
CA LYS A 204 -13.58 19.70 10.71
C LYS A 204 -12.45 18.94 11.39
N GLY A 205 -11.27 19.01 10.80
CA GLY A 205 -10.09 18.32 11.28
C GLY A 205 -9.81 17.02 10.52
N ASP A 206 -10.79 16.59 9.70
CA ASP A 206 -10.63 15.38 8.87
C ASP A 206 -10.15 15.67 7.47
N SER A 207 -10.18 16.95 6.99
CA SER A 207 -9.68 17.19 5.63
CA SER A 207 -9.69 17.17 5.62
C SER A 207 -8.24 16.72 5.48
N GLY A 208 -7.91 16.21 4.31
CA GLY A 208 -6.58 15.71 4.01
C GLY A 208 -6.41 14.25 4.32
N GLY A 209 -7.35 13.73 5.09
CA GLY A 209 -7.34 12.31 5.41
C GLY A 209 -7.83 11.48 4.24
N PRO A 210 -7.77 10.17 4.35
CA PRO A 210 -8.07 9.34 3.19
C PRO A 210 -9.47 8.75 3.12
N LEU A 211 -9.94 8.51 1.90
CA LEU A 211 -11.15 7.75 1.62
C LEU A 211 -10.58 6.48 0.97
N VAL A 212 -10.66 5.35 1.69
CA VAL A 212 -9.97 4.10 1.31
C VAL A 212 -11.03 3.08 0.90
N CYS A 213 -10.95 2.60 -0.35
CA CYS A 213 -11.93 1.61 -0.83
C CYS A 213 -11.20 0.33 -1.12
N GLY A 214 -11.51 -0.70 -0.33
CA GLY A 214 -10.88 -2.02 -0.45
C GLY A 214 -9.38 -1.96 -0.26
N GLY A 215 -8.93 -1.11 0.65
CA GLY A 215 -7.51 -0.91 0.92
C GLY A 215 -6.78 -0.03 -0.08
N VAL A 216 -7.52 0.63 -1.03
CA VAL A 216 -6.83 1.49 -2.02
C VAL A 216 -7.22 2.91 -1.75
N LEU A 217 -6.23 3.83 -1.74
CA LEU A 217 -6.57 5.24 -1.56
C LEU A 217 -7.31 5.73 -2.81
N GLU A 218 -8.56 6.19 -2.66
CA GLU A 218 -9.36 6.67 -3.80
C GLU A 218 -9.67 8.14 -3.71
N GLY A 219 -9.75 8.64 -2.49
CA GLY A 219 -10.08 10.03 -2.29
C GLY A 219 -9.36 10.67 -1.13
N VAL A 220 -9.34 11.97 -1.11
CA VAL A 220 -8.75 12.75 -0.02
C VAL A 220 -9.87 13.63 0.47
N VAL A 221 -10.16 13.58 1.77
CA VAL A 221 -11.21 14.41 2.36
C VAL A 221 -11.03 15.88 2.02
N THR A 222 -12.12 16.52 1.65
CA THR A 222 -12.16 17.96 1.54
C THR A 222 -13.39 18.46 2.30
N SER A 223 -13.47 19.76 2.56
CA SER A 223 -14.52 20.29 3.42
C SER A 223 -15.84 20.61 2.70
N GLY A 224 -15.79 20.84 1.39
CA GLY A 224 -16.98 21.12 0.57
C GLY A 224 -17.80 22.27 1.13
N SER A 225 -19.12 22.07 1.37
CA SER A 225 -19.92 23.17 1.94
C SER A 225 -19.65 23.44 3.43
N ARG A 226 -18.93 22.53 4.10
CA ARG A 226 -18.51 22.59 5.51
C ARG A 226 -19.62 22.21 6.49
N VAL A 227 -20.80 21.83 5.97
CA VAL A 227 -21.90 21.30 6.77
C VAL A 227 -21.60 19.79 6.98
N CYS A 228 -21.80 19.27 8.20
CA CYS A 228 -21.47 17.86 8.49
C CYS A 228 -22.70 17.05 8.86
N GLY A 229 -22.76 15.80 8.43
CA GLY A 229 -23.87 14.92 8.80
C GLY A 229 -25.23 15.22 8.21
N ASN A 230 -25.31 16.09 7.19
CA ASN A 230 -26.56 16.42 6.50
C ASN A 230 -26.60 15.63 5.20
N ARG A 231 -27.63 14.78 5.06
CA ARG A 231 -27.89 13.94 3.89
C ARG A 231 -27.95 14.74 2.60
N LYS A 232 -28.51 15.95 2.65
CA LYS A 232 -28.61 16.81 1.48
C LYS A 232 -27.28 17.46 1.09
N LYS A 233 -26.27 17.39 1.95
CA LYS A 233 -24.96 18.00 1.69
C LYS A 233 -23.88 16.91 1.81
N PRO A 234 -23.69 16.12 0.72
CA PRO A 234 -22.78 14.96 0.80
C PRO A 234 -21.34 15.36 0.96
N GLY A 235 -20.58 14.49 1.59
CA GLY A 235 -19.15 14.70 1.79
C GLY A 235 -18.45 14.65 0.44
N ILE A 236 -17.53 15.58 0.21
CA ILE A 236 -16.80 15.70 -1.05
C ILE A 236 -15.38 15.26 -0.78
N TYR A 237 -14.80 14.55 -1.75
CA TYR A 237 -13.46 13.99 -1.66
C TYR A 237 -12.73 14.22 -2.98
N THR A 238 -11.47 14.67 -2.91
CA THR A 238 -10.67 14.89 -4.12
C THR A 238 -10.37 13.53 -4.73
N ARG A 239 -10.72 13.31 -6.02
CA ARG A 239 -10.58 12.01 -6.67
C ARG A 239 -9.13 11.83 -7.06
N VAL A 240 -8.38 11.00 -6.31
CA VAL A 240 -6.94 10.87 -6.47
C VAL A 240 -6.55 10.35 -7.87
N ALA A 241 -7.35 9.43 -8.47
CA ALA A 241 -7.10 8.89 -9.81
C ALA A 241 -7.04 9.99 -10.89
N SER A 242 -7.79 11.09 -10.70
N SER A 242 -7.79 11.10 -10.70
CA SER A 242 -7.83 12.25 -11.61
CA SER A 242 -7.81 12.27 -11.60
C SER A 242 -6.50 13.02 -11.60
C SER A 242 -6.45 12.99 -11.62
N TYR A 243 -5.70 12.88 -10.52
CA TYR A 243 -4.43 13.55 -10.31
C TYR A 243 -3.18 12.66 -10.45
N ALA A 244 -3.32 11.45 -11.01
CA ALA A 244 -2.23 10.50 -11.16
C ALA A 244 -0.96 11.11 -11.79
N ALA A 245 -1.08 11.74 -12.99
CA ALA A 245 0.09 12.37 -13.66
C ALA A 245 0.68 13.48 -12.82
N TRP A 246 -0.17 14.30 -12.15
CA TRP A 246 0.30 15.37 -11.27
C TRP A 246 1.07 14.78 -10.07
N ILE A 247 0.52 13.74 -9.41
CA ILE A 247 1.18 13.12 -8.26
C ILE A 247 2.55 12.54 -8.65
N ASP A 248 2.58 11.77 -9.77
CA ASP A 248 3.79 11.17 -10.34
C ASP A 248 4.86 12.23 -10.64
N SER A 249 4.45 13.38 -11.21
CA SER A 249 5.31 14.51 -11.55
C SER A 249 6.01 15.09 -10.32
N VAL A 250 5.31 15.16 -9.16
CA VAL A 250 5.87 15.67 -7.90
C VAL A 250 6.76 14.62 -7.22
N LEU A 251 6.28 13.36 -7.17
CA LEU A 251 6.98 12.24 -6.52
C LEU A 251 8.31 11.88 -7.21
N ALA A 252 8.58 12.44 -8.42
CA ALA A 252 9.84 12.25 -9.17
C ALA A 252 10.83 13.39 -8.89
N SER A 253 10.33 14.56 -8.43
CA SER A 253 11.14 15.73 -8.09
C SER A 253 11.90 15.58 -6.75
N ALA A 254 11.85 14.36 -6.17
CA ALA A 254 12.53 13.99 -4.92
C ALA A 254 13.76 13.13 -5.22
N ILE B 25 4.24 -23.71 -0.61
CA ILE B 25 4.37 -23.41 0.83
C ILE B 25 4.16 -24.70 1.60
N LEU B 26 5.12 -25.09 2.44
CA LEU B 26 5.00 -26.27 3.30
C LEU B 26 4.50 -25.88 4.66
N GLY B 27 3.61 -26.73 5.19
CA GLY B 27 3.02 -26.58 6.51
C GLY B 27 2.20 -25.34 6.73
N GLY B 28 1.69 -24.80 5.64
CA GLY B 28 0.88 -23.59 5.66
C GLY B 28 -0.59 -23.92 5.58
N ARG B 29 -1.38 -22.88 5.40
CA ARG B 29 -2.81 -22.98 5.36
C ARG B 29 -3.30 -22.22 4.18
N GLU B 30 -4.51 -22.57 3.68
CA GLU B 30 -5.07 -21.84 2.57
C GLU B 30 -5.36 -20.43 3.08
N ALA B 31 -4.92 -19.43 2.32
CA ALA B 31 -5.13 -18.04 2.66
C ALA B 31 -6.59 -17.67 2.55
N GLU B 32 -7.02 -16.65 3.33
CA GLU B 32 -8.39 -16.13 3.25
CA GLU B 32 -8.39 -16.14 3.25
C GLU B 32 -8.41 -15.51 1.86
N ALA B 33 -9.38 -15.91 1.03
CA ALA B 33 -9.43 -15.44 -0.35
C ALA B 33 -9.36 -13.94 -0.48
N HIS B 34 -8.36 -13.51 -1.25
CA HIS B 34 -8.09 -12.12 -1.62
C HIS B 34 -7.66 -11.25 -0.42
N ALA B 35 -7.16 -11.88 0.67
CA ALA B 35 -6.65 -11.16 1.85
C ALA B 35 -5.21 -10.72 1.64
N ARG B 36 -4.54 -11.25 0.57
CA ARG B 36 -3.17 -10.88 0.22
C ARG B 36 -3.23 -10.40 -1.25
N PRO B 37 -3.88 -9.23 -1.46
CA PRO B 37 -4.13 -8.74 -2.82
C PRO B 37 -2.93 -8.33 -3.65
N TYR B 38 -1.76 -8.31 -3.04
CA TYR B 38 -0.51 -7.97 -3.71
C TYR B 38 0.10 -9.20 -4.40
N MET B 39 -0.46 -10.40 -4.14
CA MET B 39 0.06 -11.64 -4.68
C MET B 39 -0.07 -11.71 -6.18
N ALA B 40 1.00 -12.10 -6.85
CA ALA B 40 1.00 -12.30 -8.30
C ALA B 40 1.47 -13.73 -8.61
N SER B 41 0.92 -14.35 -9.68
CA SER B 41 1.39 -15.67 -10.18
C SER B 41 2.05 -15.31 -11.50
N VAL B 42 3.35 -15.63 -11.62
CA VAL B 42 4.16 -15.35 -12.80
C VAL B 42 4.01 -16.58 -13.68
N GLN B 43 3.49 -16.39 -14.90
CA GLN B 43 3.14 -17.52 -15.73
C GLN B 43 3.74 -17.52 -17.12
N LEU B 44 3.92 -18.71 -17.67
CA LEU B 44 4.40 -18.89 -19.04
C LEU B 44 3.34 -19.69 -19.77
N ASN B 45 2.64 -19.05 -20.73
CA ASN B 45 1.53 -19.66 -21.49
C ASN B 45 0.52 -20.28 -20.52
N GLY B 46 0.24 -19.55 -19.45
CA GLY B 46 -0.72 -19.97 -18.44
C GLY B 46 -0.29 -21.01 -17.42
N ALA B 47 1.01 -21.38 -17.36
CA ALA B 47 1.50 -22.32 -16.35
C ALA B 47 2.23 -21.52 -15.25
N HIS B 48 1.89 -21.75 -13.97
CA HIS B 48 2.52 -21.06 -12.83
C HIS B 48 3.99 -21.44 -12.76
N LEU B 49 4.86 -20.43 -12.82
CA LEU B 49 6.30 -20.60 -12.74
C LEU B 49 6.82 -20.24 -11.33
N CYS B 50 6.41 -19.06 -10.86
CA CYS B 50 6.85 -18.46 -9.61
C CYS B 50 5.81 -17.54 -9.08
N GLY B 51 6.03 -17.11 -7.84
CA GLY B 51 5.23 -16.05 -7.27
C GLY B 51 5.83 -14.70 -7.70
N GLY B 52 5.12 -13.64 -7.36
CA GLY B 52 5.52 -12.29 -7.60
C GLY B 52 4.74 -11.41 -6.63
N VAL B 53 5.14 -10.15 -6.51
CA VAL B 53 4.45 -9.20 -5.63
C VAL B 53 4.21 -7.90 -6.38
N LEU B 54 2.96 -7.44 -6.39
CA LEU B 54 2.63 -6.15 -7.02
C LEU B 54 3.26 -5.04 -6.15
N VAL B 55 4.12 -4.18 -6.76
CA VAL B 55 4.79 -3.09 -6.03
C VAL B 55 4.34 -1.71 -6.52
N ALA B 56 3.65 -1.66 -7.66
CA ALA B 56 3.12 -0.42 -8.23
C ALA B 56 2.00 -0.85 -9.16
N GLU B 57 1.23 0.11 -9.69
CA GLU B 57 0.16 -0.24 -10.62
C GLU B 57 0.64 -1.00 -11.87
N GLN B 58 1.89 -0.78 -12.31
N GLN B 58 1.89 -0.78 -12.31
CA GLN B 58 2.41 -1.41 -13.52
CA GLN B 58 2.41 -1.42 -13.51
C GLN B 58 3.66 -2.28 -13.30
C GLN B 58 3.65 -2.29 -13.30
N TRP B 59 4.05 -2.52 -12.04
CA TRP B 59 5.25 -3.29 -11.75
C TRP B 59 5.06 -4.43 -10.76
N VAL B 60 5.65 -5.59 -11.09
CA VAL B 60 5.64 -6.80 -10.24
C VAL B 60 7.09 -7.18 -9.94
N LEU B 61 7.42 -7.39 -8.68
CA LEU B 61 8.76 -7.82 -8.25
C LEU B 61 8.71 -9.35 -8.12
N SER B 62 9.74 -10.02 -8.61
CA SER B 62 9.84 -11.49 -8.53
C SER B 62 11.33 -11.87 -8.47
N ALA B 63 11.66 -13.15 -8.73
CA ALA B 63 13.04 -13.65 -8.65
C ALA B 63 13.57 -13.86 -10.05
N ALA B 64 14.79 -13.38 -10.31
CA ALA B 64 15.44 -13.47 -11.64
C ALA B 64 15.58 -14.88 -12.15
N HIS B 65 15.85 -15.86 -11.27
CA HIS B 65 15.99 -17.25 -11.74
C HIS B 65 14.68 -17.84 -12.28
N CYS B 66 13.51 -17.20 -11.96
CA CYS B 66 12.22 -17.68 -12.45
C CYS B 66 12.07 -17.58 -13.96
N LEU B 67 12.81 -16.67 -14.61
CA LEU B 67 12.73 -16.45 -16.07
C LEU B 67 14.04 -16.69 -16.83
N GLU B 68 15.19 -16.61 -16.15
CA GLU B 68 16.54 -16.76 -16.71
C GLU B 68 16.60 -17.88 -17.75
N ASP B 69 16.13 -19.07 -17.38
CA ASP B 69 16.19 -20.23 -18.28
C ASP B 69 14.81 -20.74 -18.71
N ALA B 70 13.74 -19.94 -18.52
CA ALA B 70 12.40 -20.34 -18.89
C ALA B 70 12.28 -20.53 -20.39
N ALA B 71 11.34 -21.37 -20.81
CA ALA B 71 11.09 -21.58 -22.24
C ALA B 71 10.48 -20.28 -22.81
N ASP B 72 10.39 -20.18 -24.12
CA ASP B 72 9.80 -18.98 -24.71
C ASP B 72 8.28 -19.12 -24.77
N GLY B 73 7.63 -18.00 -24.98
CA GLY B 73 6.18 -17.96 -25.00
C GLY B 73 5.73 -16.70 -24.33
N LYS B 74 4.47 -16.63 -24.07
CA LYS B 74 3.97 -15.42 -23.49
C LYS B 74 4.13 -15.42 -21.97
N VAL B 75 4.97 -14.53 -21.49
CA VAL B 75 5.22 -14.34 -20.05
C VAL B 75 4.15 -13.39 -19.59
N GLN B 76 3.34 -13.81 -18.63
CA GLN B 76 2.20 -13.03 -18.15
C GLN B 76 2.19 -13.01 -16.62
N VAL B 77 1.41 -12.08 -16.05
CA VAL B 77 1.28 -11.99 -14.60
C VAL B 77 -0.21 -12.03 -14.27
N LEU B 78 -0.61 -12.97 -13.42
CA LEU B 78 -2.00 -13.10 -12.96
C LEU B 78 -2.18 -12.39 -11.63
N LEU B 79 -3.07 -11.37 -11.60
CA LEU B 79 -3.39 -10.60 -10.41
C LEU B 79 -4.85 -10.89 -9.99
N GLY B 80 -5.15 -10.64 -8.72
CA GLY B 80 -6.49 -10.80 -8.18
C GLY B 80 -6.93 -12.23 -8.00
N ALA B 81 -5.97 -13.15 -7.98
CA ALA B 81 -6.28 -14.55 -7.91
C ALA B 81 -6.17 -15.17 -6.52
N HIS B 82 -7.10 -16.08 -6.20
CA HIS B 82 -7.04 -16.96 -5.05
C HIS B 82 -6.76 -18.37 -5.59
N SER B 83 -7.70 -18.93 -6.37
CA SER B 83 -7.52 -20.22 -7.06
C SER B 83 -6.93 -19.95 -8.46
N LEU B 84 -5.93 -20.75 -8.94
CA LEU B 84 -5.33 -20.53 -10.26
C LEU B 84 -6.32 -20.86 -11.38
N SER B 85 -7.26 -21.78 -11.13
CA SER B 85 -8.18 -22.18 -12.21
C SER B 85 -9.63 -21.72 -12.06
N GLN B 86 -10.09 -21.37 -10.83
CA GLN B 86 -11.48 -20.94 -10.61
C GLN B 86 -11.78 -19.60 -11.32
N PRO B 87 -12.85 -19.50 -12.16
CA PRO B 87 -13.17 -18.21 -12.79
C PRO B 87 -13.67 -17.24 -11.74
N GLU B 88 -12.78 -16.42 -11.18
CA GLU B 88 -13.03 -15.40 -10.16
C GLU B 88 -13.14 -14.02 -10.80
N PRO B 89 -14.16 -13.19 -10.44
CA PRO B 89 -14.31 -11.87 -11.08
C PRO B 89 -13.15 -10.90 -10.92
N SER B 90 -12.38 -11.05 -9.84
CA SER B 90 -11.25 -10.15 -9.58
C SER B 90 -10.00 -10.50 -10.39
N LYS B 91 -9.96 -11.70 -10.99
CA LYS B 91 -8.81 -12.14 -11.78
C LYS B 91 -8.56 -11.29 -13.00
N ARG B 92 -7.30 -10.85 -13.14
CA ARG B 92 -6.88 -10.10 -14.30
C ARG B 92 -5.50 -10.57 -14.74
N LEU B 93 -5.35 -10.84 -16.03
CA LEU B 93 -4.09 -11.29 -16.61
C LEU B 93 -3.48 -10.16 -17.44
N TYR B 94 -2.23 -9.83 -17.14
CA TYR B 94 -1.48 -8.78 -17.84
C TYR B 94 -0.31 -9.36 -18.54
N ASP B 95 0.01 -8.82 -19.73
CA ASP B 95 1.19 -9.26 -20.45
C ASP B 95 2.36 -8.51 -19.88
N VAL B 96 3.57 -9.04 -20.03
CA VAL B 96 4.77 -8.39 -19.55
C VAL B 96 5.43 -7.70 -20.74
N LEU B 97 5.65 -6.40 -20.61
CA LEU B 97 6.28 -5.54 -21.62
C LEU B 97 7.80 -5.58 -21.46
N ARG B 98 8.28 -5.83 -20.24
CA ARG B 98 9.69 -5.77 -19.90
C ARG B 98 10.02 -6.61 -18.68
N ALA B 99 11.07 -7.43 -18.77
CA ALA B 99 11.60 -8.23 -17.67
C ALA B 99 13.00 -7.67 -17.37
N VAL B 100 13.17 -7.09 -16.17
CA VAL B 100 14.40 -6.45 -15.74
C VAL B 100 15.04 -7.29 -14.60
N PRO B 101 15.90 -8.27 -14.94
CA PRO B 101 16.58 -9.02 -13.88
C PRO B 101 17.69 -8.16 -13.30
N HIS B 102 18.06 -8.38 -12.04
CA HIS B 102 19.16 -7.62 -11.44
C HIS B 102 20.43 -7.94 -12.25
N PRO B 103 21.28 -6.93 -12.55
CA PRO B 103 22.49 -7.19 -13.38
C PRO B 103 23.39 -8.33 -12.91
N ASP B 104 23.58 -8.47 -11.59
CA ASP B 104 24.42 -9.49 -10.96
C ASP B 104 23.68 -10.83 -10.71
N SER B 105 22.48 -11.05 -11.31
CA SER B 105 21.69 -12.27 -11.12
C SER B 105 22.30 -13.43 -11.92
N GLN B 106 23.52 -13.82 -11.54
CA GLN B 106 24.25 -14.92 -12.15
C GLN B 106 23.56 -16.18 -11.64
N PRO B 107 23.22 -17.13 -12.54
CA PRO B 107 22.51 -18.34 -12.10
C PRO B 107 23.24 -19.14 -11.03
N ASP B 108 22.46 -19.80 -10.15
CA ASP B 108 22.90 -20.65 -9.02
C ASP B 108 23.59 -19.86 -7.90
N THR B 109 23.81 -18.55 -8.09
CA THR B 109 24.37 -17.72 -7.03
C THR B 109 23.15 -17.12 -6.36
N ILE B 110 22.95 -17.43 -5.08
CA ILE B 110 21.81 -17.02 -4.25
C ILE B 110 21.64 -15.49 -4.18
N ASP B 111 22.73 -14.75 -4.39
CA ASP B 111 22.75 -13.29 -4.36
C ASP B 111 22.15 -12.64 -5.60
N HIS B 112 21.59 -11.42 -5.41
CA HIS B 112 21.00 -10.55 -6.44
C HIS B 112 19.89 -11.18 -7.27
N ASP B 113 19.09 -12.08 -6.66
CA ASP B 113 18.04 -12.79 -7.39
C ASP B 113 16.71 -12.00 -7.48
N LEU B 114 16.79 -10.77 -7.99
CA LEU B 114 15.62 -9.90 -8.14
C LEU B 114 15.28 -9.71 -9.60
N LEU B 115 13.99 -9.55 -9.89
CA LEU B 115 13.44 -9.35 -11.24
C LEU B 115 12.26 -8.39 -11.17
N LEU B 116 12.26 -7.38 -12.06
CA LEU B 116 11.13 -6.47 -12.14
C LEU B 116 10.38 -6.73 -13.42
N LEU B 117 9.05 -6.85 -13.34
CA LEU B 117 8.23 -7.10 -14.52
C LEU B 117 7.32 -5.90 -14.76
N GLN B 118 7.42 -5.30 -15.95
CA GLN B 118 6.52 -4.19 -16.29
C GLN B 118 5.34 -4.73 -17.01
N LEU B 119 4.14 -4.44 -16.50
CA LEU B 119 2.88 -4.91 -17.05
C LEU B 119 2.52 -4.11 -18.31
N SER B 120 1.71 -4.72 -19.21
CA SER B 120 1.26 -4.14 -20.49
CA SER B 120 1.26 -4.13 -20.48
C SER B 120 0.42 -2.87 -20.29
N GLU B 121 -0.32 -2.80 -19.17
CA GLU B 121 -1.15 -1.63 -18.83
C GLU B 121 -1.16 -1.43 -17.33
N LYS B 122 -1.50 -0.22 -16.90
CA LYS B 122 -1.60 0.08 -15.46
C LYS B 122 -2.76 -0.77 -14.94
N ALA B 123 -2.53 -1.51 -13.84
CA ALA B 123 -3.58 -2.34 -13.27
C ALA B 123 -4.59 -1.49 -12.53
N THR B 124 -5.87 -1.86 -12.62
CA THR B 124 -6.92 -1.19 -11.84
C THR B 124 -6.84 -1.82 -10.45
N LEU B 125 -6.69 -0.98 -9.44
CA LEU B 125 -6.56 -1.51 -8.10
C LEU B 125 -7.91 -1.64 -7.43
N GLY B 126 -8.00 -2.56 -6.48
CA GLY B 126 -9.21 -2.81 -5.70
C GLY B 126 -8.95 -3.74 -4.54
N PRO B 127 -10.02 -4.22 -3.86
CA PRO B 127 -9.82 -5.09 -2.70
C PRO B 127 -9.04 -6.35 -3.00
N ALA B 128 -9.06 -6.83 -4.27
CA ALA B 128 -8.33 -8.04 -4.62
C ALA B 128 -7.01 -7.81 -5.36
N VAL B 129 -6.70 -6.56 -5.75
CA VAL B 129 -5.49 -6.18 -6.52
C VAL B 129 -4.96 -4.89 -5.91
N ARG B 130 -3.89 -4.98 -5.15
CA ARG B 130 -3.33 -3.82 -4.47
C ARG B 130 -1.84 -4.01 -4.27
N PRO B 131 -1.00 -3.00 -4.57
CA PRO B 131 0.43 -3.17 -4.39
C PRO B 131 0.79 -3.12 -2.91
N LEU B 132 2.01 -3.56 -2.63
CA LEU B 132 2.53 -3.60 -1.28
C LEU B 132 3.69 -2.63 -1.20
N PRO B 133 3.68 -1.67 -0.25
CA PRO B 133 4.85 -0.79 -0.09
C PRO B 133 6.02 -1.62 0.40
N TRP B 134 7.18 -1.25 -0.03
CA TRP B 134 8.40 -1.96 0.29
C TRP B 134 9.30 -1.07 1.12
N GLN B 135 10.14 -1.70 1.93
CA GLN B 135 11.07 -0.99 2.79
C GLN B 135 12.17 -0.36 1.95
N ARG B 136 12.40 0.96 2.15
CA ARG B 136 13.39 1.74 1.41
C ARG B 136 14.67 1.96 2.24
N VAL B 137 14.49 2.23 3.53
CA VAL B 137 15.59 2.47 4.47
C VAL B 137 16.39 1.17 4.63
N ASP B 138 17.70 1.23 4.41
CA ASP B 138 18.58 0.06 4.48
C ASP B 138 18.87 -0.30 5.93
N ARG B 139 17.92 -1.01 6.56
CA ARG B 139 17.97 -1.45 7.95
C ARG B 139 17.45 -2.87 8.01
N ASP B 140 18.15 -3.75 8.74
CA ASP B 140 17.72 -5.15 8.89
C ASP B 140 16.44 -5.22 9.71
N VAL B 141 15.53 -6.14 9.34
CA VAL B 141 14.29 -6.38 10.04
C VAL B 141 14.70 -7.02 11.35
N ALA B 142 14.23 -6.49 12.49
CA ALA B 142 14.54 -7.03 13.81
C ALA B 142 14.27 -8.55 13.85
N PRO B 143 15.25 -9.41 14.24
CA PRO B 143 14.97 -10.85 14.34
C PRO B 143 13.77 -11.13 15.23
N GLY B 144 13.04 -12.17 14.89
CA GLY B 144 11.82 -12.54 15.62
C GLY B 144 10.58 -11.86 15.08
N THR B 145 10.72 -10.84 14.21
CA THR B 145 9.56 -10.18 13.60
C THR B 145 8.80 -11.22 12.79
N LEU B 146 7.45 -11.31 13.00
CA LEU B 146 6.61 -12.29 12.29
C LEU B 146 6.31 -11.79 10.92
N CYS B 147 6.62 -12.58 9.89
CA CYS B 147 6.40 -12.19 8.51
C CYS B 147 5.62 -13.23 7.80
N ASP B 148 4.77 -12.80 6.90
CA ASP B 148 3.89 -13.68 6.17
C ASP B 148 4.47 -13.93 4.78
N VAL B 149 4.57 -15.24 4.42
CA VAL B 149 5.01 -15.66 3.08
CA VAL B 149 5.05 -15.72 3.10
C VAL B 149 3.87 -16.44 2.44
N ALA B 150 3.56 -16.10 1.19
CA ALA B 150 2.45 -16.74 0.50
C ALA B 150 2.86 -17.22 -0.91
N GLY B 151 2.17 -18.23 -1.41
CA GLY B 151 2.46 -18.75 -2.74
C GLY B 151 1.63 -19.96 -3.14
N TRP B 152 1.80 -20.34 -4.40
CA TRP B 152 1.15 -21.48 -5.08
C TRP B 152 2.19 -22.61 -5.30
N GLY B 153 3.28 -22.55 -4.52
CA GLY B 153 4.34 -23.55 -4.55
C GLY B 153 3.87 -24.87 -3.94
N ILE B 154 4.70 -25.92 -4.02
CA ILE B 154 4.33 -27.24 -3.50
C ILE B 154 4.01 -27.22 -2.01
N VAL B 155 3.03 -28.05 -1.61
CA VAL B 155 2.53 -28.08 -0.23
C VAL B 155 3.00 -29.30 0.59
N ASN B 156 3.79 -30.18 -0.02
CA ASN B 156 4.42 -31.30 0.68
C ASN B 156 5.69 -31.70 -0.06
N HIS B 157 6.51 -32.59 0.53
CA HIS B 157 7.76 -33.01 -0.08
C HIS B 157 7.57 -33.94 -1.29
N ALA B 158 6.39 -34.53 -1.47
CA ALA B 158 6.10 -35.33 -2.67
C ALA B 158 5.86 -34.45 -3.91
N GLY B 159 5.67 -33.12 -3.74
CA GLY B 159 5.47 -32.22 -4.87
C GLY B 159 4.02 -31.92 -5.21
N ARG B 160 3.09 -32.16 -4.28
CA ARG B 160 1.65 -31.85 -4.45
C ARG B 160 1.49 -30.37 -4.67
N ARG B 161 0.84 -29.97 -5.75
CA ARG B 161 0.63 -28.55 -6.09
C ARG B 161 -0.76 -28.09 -5.72
N PRO B 162 -0.90 -26.97 -4.97
CA PRO B 162 -2.23 -26.50 -4.64
C PRO B 162 -2.82 -25.71 -5.82
N ASP B 163 -4.15 -25.61 -5.87
CA ASP B 163 -4.75 -24.73 -6.87
C ASP B 163 -4.98 -23.38 -6.18
N SER B 164 -5.24 -23.39 -4.85
CA SER B 164 -5.49 -22.16 -4.09
CA SER B 164 -5.48 -22.14 -4.12
C SER B 164 -4.25 -21.60 -3.39
N LEU B 165 -4.19 -20.26 -3.21
CA LEU B 165 -3.08 -19.60 -2.53
C LEU B 165 -2.92 -20.12 -1.09
N GLN B 166 -1.66 -20.41 -0.72
CA GLN B 166 -1.32 -20.86 0.62
C GLN B 166 -0.44 -19.80 1.28
N HIS B 167 -0.38 -19.80 2.61
CA HIS B 167 0.49 -18.89 3.33
C HIS B 167 0.98 -19.47 4.63
N VAL B 168 2.09 -18.94 5.12
CA VAL B 168 2.68 -19.32 6.38
C VAL B 168 3.25 -18.05 7.05
N LEU B 169 3.28 -18.00 8.42
CA LEU B 169 3.84 -16.88 9.20
C LEU B 169 5.17 -17.40 9.75
N LEU B 170 6.26 -16.71 9.43
CA LEU B 170 7.60 -17.13 9.78
C LEU B 170 8.35 -16.01 10.48
N PRO B 171 9.09 -16.29 11.54
CA PRO B 171 9.88 -15.23 12.17
C PRO B 171 11.21 -15.05 11.43
N VAL B 172 11.69 -13.80 11.37
CA VAL B 172 12.97 -13.45 10.78
C VAL B 172 14.08 -13.96 11.69
N LEU B 173 15.10 -14.56 11.10
CA LEU B 173 16.28 -15.07 11.80
C LEU B 173 17.39 -14.01 11.65
N ASP B 174 18.31 -13.89 12.62
CA ASP B 174 19.43 -12.95 12.50
C ASP B 174 20.35 -13.48 11.39
N ARG B 175 20.99 -12.61 10.61
CA ARG B 175 21.83 -13.02 9.48
C ARG B 175 22.97 -13.97 9.86
N ALA B 176 23.61 -13.74 11.01
CA ALA B 176 24.73 -14.59 11.45
C ALA B 176 24.32 -16.06 11.58
N THR B 177 23.18 -16.34 12.25
CA THR B 177 22.65 -17.70 12.44
C THR B 177 22.34 -18.35 11.10
N CYS B 178 21.85 -17.56 10.16
CA CYS B 178 21.55 -18.11 8.87
C CYS B 178 22.82 -18.37 8.08
N ASN B 179 23.84 -17.52 8.26
CA ASN B 179 25.14 -17.69 7.62
C ASN B 179 25.77 -18.96 8.19
N ARG B 180 25.63 -19.18 9.52
CA ARG B 180 26.08 -20.36 10.26
C ARG B 180 25.46 -21.62 9.65
N GLY B 186 25.74 -21.96 0.18
CA GLY B 186 25.95 -20.62 -0.36
C GLY B 186 26.76 -19.71 0.54
N ALA B 187 26.38 -18.42 0.58
CA ALA B 187 27.04 -17.39 1.37
C ALA B 187 25.97 -16.31 1.64
N ILE B 188 25.59 -16.11 2.92
CA ILE B 188 24.54 -15.14 3.28
C ILE B 188 25.11 -13.73 3.47
N THR B 189 25.04 -12.91 2.40
CA THR B 189 25.53 -11.53 2.38
C THR B 189 24.53 -10.56 3.04
N GLU B 190 24.90 -9.28 3.13
CA GLU B 190 24.08 -8.18 3.67
C GLU B 190 22.80 -7.96 2.86
N ARG B 191 22.78 -8.45 1.59
CA ARG B 191 21.66 -8.32 0.64
CA ARG B 191 21.64 -8.31 0.66
C ARG B 191 20.65 -9.47 0.79
N LEU B 192 20.85 -10.31 1.82
CA LEU B 192 19.95 -11.42 2.08
C LEU B 192 19.45 -11.41 3.51
N MET B 193 18.30 -12.03 3.71
CA MET B 193 17.71 -12.21 5.02
C MET B 193 17.18 -13.64 5.11
N CYS B 194 16.91 -14.10 6.31
CA CYS B 194 16.43 -15.46 6.50
C CYS B 194 15.26 -15.52 7.42
N ALA B 195 14.51 -16.61 7.31
CA ALA B 195 13.39 -16.83 8.20
C ALA B 195 13.41 -18.27 8.61
N GLU B 196 12.81 -18.57 9.77
CA GLU B 196 12.75 -19.93 10.29
C GLU B 196 12.06 -20.87 9.31
N SER B 197 12.38 -22.11 9.40
CA SER B 197 11.82 -23.04 8.45
C SER B 197 11.53 -24.32 9.16
N ASN B 198 10.92 -24.24 10.36
CA ASN B 198 10.62 -25.43 11.16
C ASN B 198 9.31 -26.08 10.75
N ARG B 199 9.39 -27.01 9.78
CA ARG B 199 8.25 -27.74 9.19
C ARG B 199 7.29 -26.78 8.47
N ARG B 200 7.69 -25.50 8.37
CA ARG B 200 6.95 -24.42 7.77
C ARG B 200 7.92 -23.69 6.88
N ASP B 201 7.64 -23.59 5.56
CA ASP B 201 8.63 -22.96 4.70
C ASP B 201 8.11 -22.64 3.31
N SER B 202 8.85 -21.79 2.58
CA SER B 202 8.59 -21.55 1.17
C SER B 202 9.22 -22.77 0.46
N CYS B 203 8.72 -23.14 -0.72
CA CYS B 203 9.28 -24.29 -1.45
C CYS B 203 9.09 -24.12 -2.94
N LYS B 204 9.45 -25.13 -3.77
CA LYS B 204 9.36 -25.01 -5.24
C LYS B 204 8.03 -24.41 -5.71
N GLY B 205 8.13 -23.35 -6.53
CA GLY B 205 6.97 -22.61 -7.06
C GLY B 205 6.68 -21.34 -6.28
N ASP B 206 7.33 -21.19 -5.08
CA ASP B 206 7.16 -19.99 -4.24
C ASP B 206 8.21 -18.91 -4.49
N SER B 207 9.33 -19.21 -5.19
CA SER B 207 10.31 -18.15 -5.41
C SER B 207 9.68 -16.93 -6.10
N GLY B 208 10.11 -15.74 -5.75
CA GLY B 208 9.57 -14.51 -6.33
C GLY B 208 8.42 -13.94 -5.51
N GLY B 209 7.85 -14.78 -4.66
CA GLY B 209 6.76 -14.35 -3.77
C GLY B 209 7.30 -13.48 -2.64
N PRO B 210 6.41 -12.88 -1.85
CA PRO B 210 6.88 -11.92 -0.87
C PRO B 210 7.02 -12.42 0.55
N LEU B 211 7.94 -11.80 1.28
CA LEU B 211 8.08 -11.99 2.74
C LEU B 211 7.61 -10.63 3.29
N VAL B 212 6.43 -10.60 3.93
CA VAL B 212 5.75 -9.37 4.35
C VAL B 212 5.77 -9.26 5.84
N CYS B 213 6.37 -8.19 6.38
CA CYS B 213 6.48 -7.99 7.81
C CYS B 213 5.71 -6.75 8.23
N GLY B 214 4.60 -6.95 8.95
CA GLY B 214 3.75 -5.86 9.40
C GLY B 214 3.14 -5.10 8.25
N GLY B 215 2.81 -5.83 7.19
CA GLY B 215 2.27 -5.26 5.97
C GLY B 215 3.29 -4.59 5.09
N VAL B 216 4.60 -4.70 5.38
CA VAL B 216 5.64 -4.07 4.54
C VAL B 216 6.41 -5.16 3.80
N LEU B 217 6.61 -4.99 2.49
CA LEU B 217 7.42 -5.98 1.75
C LEU B 217 8.86 -5.84 2.20
N GLU B 218 9.44 -6.93 2.77
CA GLU B 218 10.82 -6.90 3.26
C GLU B 218 11.72 -7.84 2.50
N GLY B 219 11.16 -8.91 1.97
CA GLY B 219 11.95 -9.90 1.24
C GLY B 219 11.24 -10.50 0.06
N VAL B 220 12.01 -11.11 -0.82
CA VAL B 220 11.49 -11.83 -1.97
C VAL B 220 12.04 -13.24 -1.85
N VAL B 221 11.15 -14.24 -1.87
CA VAL B 221 11.56 -15.63 -1.79
C VAL B 221 12.64 -15.98 -2.82
N THR B 222 13.66 -16.68 -2.37
CA THR B 222 14.61 -17.29 -3.28
C THR B 222 14.78 -18.75 -2.87
N SER B 223 15.40 -19.56 -3.76
CA SER B 223 15.51 -21.01 -3.52
C SER B 223 16.62 -21.42 -2.54
N GLY B 224 17.70 -20.63 -2.46
CA GLY B 224 18.81 -20.91 -1.56
C GLY B 224 19.40 -22.31 -1.70
N SER B 225 19.49 -23.06 -0.58
CA SER B 225 19.99 -24.44 -0.62
C SER B 225 18.97 -25.40 -1.29
N ARG B 226 17.70 -24.97 -1.45
CA ARG B 226 16.59 -25.70 -2.07
C ARG B 226 15.96 -26.73 -1.14
N VAL B 227 16.44 -26.81 0.11
CA VAL B 227 15.90 -27.69 1.16
C VAL B 227 14.64 -27.01 1.67
N CYS B 228 13.54 -27.75 1.86
CA CYS B 228 12.30 -27.17 2.37
C CYS B 228 11.89 -27.74 3.70
N GLY B 229 11.49 -26.85 4.60
CA GLY B 229 10.90 -27.18 5.90
C GLY B 229 11.81 -27.84 6.91
N ASN B 230 13.10 -27.50 6.87
CA ASN B 230 14.10 -28.01 7.80
C ASN B 230 14.64 -26.83 8.59
N ARG B 231 14.45 -26.82 9.93
CA ARG B 231 14.91 -25.70 10.77
C ARG B 231 16.44 -25.47 10.67
N LYS B 232 17.23 -26.50 10.35
CA LYS B 232 18.69 -26.42 10.16
C LYS B 232 19.05 -25.72 8.83
N LYS B 233 18.12 -25.62 7.89
CA LYS B 233 18.35 -24.96 6.59
C LYS B 233 17.31 -23.85 6.42
N PRO B 234 17.54 -22.69 7.05
CA PRO B 234 16.53 -21.62 6.98
C PRO B 234 16.30 -21.11 5.56
N GLY B 235 15.08 -20.67 5.32
CA GLY B 235 14.67 -20.09 4.04
C GLY B 235 15.39 -18.79 3.83
N ILE B 236 15.83 -18.56 2.58
CA ILE B 236 16.58 -17.36 2.21
C ILE B 236 15.71 -16.50 1.37
N TYR B 237 15.79 -15.18 1.61
CA TYR B 237 14.96 -14.17 0.94
C TYR B 237 15.85 -12.99 0.53
N THR B 238 15.67 -12.49 -0.69
CA THR B 238 16.41 -11.32 -1.17
C THR B 238 15.92 -10.11 -0.35
N ARG B 239 16.86 -9.37 0.31
CA ARG B 239 16.49 -8.27 1.21
C ARG B 239 16.18 -7.06 0.35
N VAL B 240 14.87 -6.72 0.20
CA VAL B 240 14.44 -5.67 -0.70
C VAL B 240 15.01 -4.29 -0.34
N ALA B 241 15.19 -3.97 0.96
CA ALA B 241 15.76 -2.68 1.42
C ALA B 241 17.17 -2.45 0.85
N SER B 242 17.94 -3.53 0.61
N SER B 242 17.94 -3.54 0.60
CA SER B 242 19.30 -3.49 0.05
CA SER B 242 19.30 -3.49 0.03
C SER B 242 19.29 -3.04 -1.43
C SER B 242 19.27 -2.99 -1.43
N TYR B 243 18.12 -3.20 -2.10
CA TYR B 243 17.93 -2.88 -3.51
C TYR B 243 17.09 -1.62 -3.79
N ALA B 244 16.85 -0.79 -2.76
CA ALA B 244 16.05 0.43 -2.88
C ALA B 244 16.43 1.33 -4.06
N ALA B 245 17.72 1.75 -4.16
CA ALA B 245 18.19 2.59 -5.26
C ALA B 245 18.02 1.91 -6.61
N TRP B 246 18.30 0.57 -6.69
CA TRP B 246 18.12 -0.19 -7.92
C TRP B 246 16.65 -0.23 -8.32
N ILE B 247 15.72 -0.51 -7.36
CA ILE B 247 14.28 -0.58 -7.66
C ILE B 247 13.78 0.79 -8.16
N ASP B 248 14.14 1.87 -7.44
CA ASP B 248 13.80 3.26 -7.78
C ASP B 248 14.28 3.63 -9.19
N SER B 249 15.50 3.21 -9.55
CA SER B 249 16.12 3.44 -10.86
C SER B 249 15.32 2.82 -11.99
N VAL B 250 14.74 1.62 -11.77
CA VAL B 250 13.95 0.90 -12.77
C VAL B 250 12.53 1.49 -12.83
N LEU B 251 11.92 1.72 -11.66
CA LEU B 251 10.55 2.26 -11.54
C LEU B 251 10.35 3.70 -12.01
N ALA B 252 11.41 4.54 -11.98
CA ALA B 252 11.33 5.96 -12.37
C ALA B 252 10.80 6.17 -13.81
N SER B 253 11.27 5.32 -14.77
CA SER B 253 10.91 5.34 -16.18
C SER B 253 9.40 5.34 -16.46
C1 J7B C . -14.07 23.39 8.54
C2 J7B C . -14.16 22.17 7.84
C3 J7B C . -15.32 21.38 7.86
C11 J7B C . -7.97 23.53 8.12
C12 J7B C . -7.65 24.82 7.65
C13 J7B C . -8.68 25.71 7.28
C14 J7B C . -10.03 25.31 7.39
C15 J7B C . -9.60 21.71 8.76
C16 J7B C . -10.45 20.87 7.84
C19 J7B C . -15.36 20.05 7.18
C21 J7B C . -16.60 19.51 6.72
C22 J7B C . -16.69 18.24 6.12
C23 J7B C . -15.53 17.49 5.95
C24 J7B C . -14.28 18.00 6.38
C25 J7B C . -14.20 19.24 7.04
C26 J7B C . -18.07 17.74 5.60
C4 J7B C . -16.41 21.85 8.62
C5 J7B C . -16.38 23.09 9.27
C6 J7B C . -15.20 23.87 9.24
C7 J7B C . -12.77 24.15 8.52
N8 J7B C . -11.69 23.57 7.95
C9 J7B C . -10.35 24.01 7.86
C10 J7B C . -9.32 23.11 8.19
O17 J7B C . -10.92 21.25 6.79
O18 J7B C . -10.66 19.63 8.25
O20 J7B C . -12.69 25.26 9.02
N27 J7B C . -17.98 16.39 5.00
C1 J7B D . 13.15 -25.50 -6.87
C2 J7B D . 13.02 -24.48 -5.89
C3 J7B D . 13.09 -24.79 -4.51
C11 J7B D . 11.72 -21.79 -11.25
C12 J7B D . 12.69 -21.83 -12.28
C13 J7B D . 13.86 -22.57 -12.11
C14 J7B D . 14.09 -23.28 -10.91
C15 J7B D . 10.83 -22.42 -8.92
C16 J7B D . 11.22 -21.78 -7.63
C19 J7B D . 12.84 -23.75 -3.46
C21 J7B D . 13.21 -23.98 -2.10
C22 J7B D . 12.93 -23.04 -1.10
C23 J7B D . 12.23 -21.86 -1.44
C24 J7B D . 11.82 -21.62 -2.76
C25 J7B D . 12.08 -22.58 -3.77
C26 J7B D . 13.43 -23.33 0.34
C4 J7B D . 13.30 -26.13 -4.16
C5 J7B D . 13.43 -27.15 -5.12
C6 J7B D . 13.34 -26.83 -6.49
C7 J7B D . 12.98 -25.07 -8.31
N8 J7B D . 13.34 -23.83 -8.63
C9 J7B D . 13.12 -23.22 -9.89
C10 J7B D . 11.94 -22.45 -10.02
O17 J7B D . 12.33 -21.42 -7.38
O18 J7B D . 10.24 -21.63 -6.75
O20 J7B D . 12.49 -25.84 -9.11
N27 J7B D . 12.91 -22.38 1.36
#